data_6K0Y
#
_entry.id   6K0Y
#
_cell.length_a   39.952
_cell.length_b   102.590
_cell.length_c   137.723
_cell.angle_alpha   90.00
_cell.angle_beta   90.00
_cell.angle_gamma   90.00
#
_symmetry.space_group_name_H-M   'P 21 21 21'
#
loop_
_entity.id
_entity.type
_entity.pdbx_description
1 polymer 'Antibody Heavy Chain'
2 polymer 'Antibody Light Chain'
3 polymer 'Programmed cell death protein 1'
4 non-polymer 1,2-ETHANEDIOL
5 water water
#
loop_
_entity_poly.entity_id
_entity_poly.type
_entity_poly.pdbx_seq_one_letter_code
_entity_poly.pdbx_strand_id
1 'polypeptide(L)'
;QVQLQESGPGLVKPSETLSLTCAVSGHSIRGSYFWGWIRQPPGRGLEWIGSIYHSGSTYTNPSLKSRATISVDTSKNQFS
LKLNSVTAADTAVYYCARDLDIATTRDYWGQGTLVTVSSASTKGPSVFPLAPCSRSTSESTAALGCLVKDYFPEPVTVSW
NSGALTSGVHTFPAVLQSSGLYSLSSVVTVPSSSLGTKTYTCNVDHKPSNTKVDKRVE
;
A
2 'polypeptide(L)'
;DIQLTQSPSFLSASVGDRVTIICRASQGINNYLAWYQQKPGKAPKLLIYAASTLQSGVPSRFSGSGSGTEFTLTISSLQP
EDFATYYCQQLDSYPRTFGQGTKVEIKRTVAAPSVFIFPPSDEQLKSGTASVVCLLNNFYPREAKVQWKVDNALQSGNSQ
ESVTEQDSKDSTYSLSSTLTLSKADYEKHKVYACEVTHQGLSSPVTKSFNRGEC
;
B
3 'polypeptide(L)'
;LDSPDRPWNPPTFSPALLVVTEGDNATFTCSFSNTSESFVLNWYRMSPSNQTDKLAAFPEDRSQPGQDSRFRVTQLPNGR
DFHMSVVRARRNDSGTYLCGAISLAPKAQIKESLRAELRVTERRAEVPTAHPSPSPRPAGQFQ
;
C
#
loop_
_chem_comp.id
_chem_comp.type
_chem_comp.name
_chem_comp.formula
EDO non-polymer 1,2-ETHANEDIOL 'C2 H6 O2'
#
# COMPACT_ATOMS: atom_id res chain seq x y z
N GLN A 1 -9.71 11.49 9.84
CA GLN A 1 -8.77 10.64 10.61
C GLN A 1 -7.37 11.27 10.58
N VAL A 2 -6.36 10.50 10.14
CA VAL A 2 -4.94 10.92 10.04
C VAL A 2 -4.48 10.73 8.60
N GLN A 3 -3.73 11.70 8.09
CA GLN A 3 -3.11 11.68 6.74
C GLN A 3 -1.61 11.96 6.87
N LEU A 4 -0.81 11.24 6.08
CA LEU A 4 0.67 11.34 6.04
C LEU A 4 1.08 11.57 4.58
N GLN A 5 2.11 12.39 4.35
CA GLN A 5 2.59 12.70 2.98
C GLN A 5 4.12 12.74 2.97
N GLU A 6 4.72 11.84 2.20
CA GLU A 6 6.20 11.80 1.96
C GLU A 6 6.55 12.91 0.97
N SER A 7 7.72 13.52 1.14
CA SER A 7 8.31 14.47 0.17
C SER A 7 9.84 14.35 0.18
N GLY A 8 10.47 14.79 -0.90
CA GLY A 8 11.93 14.73 -1.11
C GLY A 8 12.26 14.28 -2.54
N PRO A 9 13.54 14.39 -2.94
CA PRO A 9 13.96 14.01 -4.29
C PRO A 9 13.58 12.58 -4.71
N GLY A 10 13.12 12.42 -5.95
CA GLY A 10 12.81 11.12 -6.57
C GLY A 10 14.01 10.51 -7.26
N LEU A 11 15.14 11.24 -7.32
CA LEU A 11 16.40 10.79 -7.96
C LEU A 11 17.58 11.23 -7.09
N VAL A 12 18.40 10.27 -6.64
CA VAL A 12 19.62 10.51 -5.82
C VAL A 12 20.77 9.77 -6.50
N LYS A 13 21.95 10.40 -6.57
CA LYS A 13 23.16 9.79 -7.16
C LYS A 13 23.75 8.80 -6.17
N PRO A 14 24.36 7.68 -6.64
CA PRO A 14 25.03 6.73 -5.75
C PRO A 14 26.07 7.43 -4.85
N SER A 15 26.11 7.02 -3.58
CA SER A 15 27.06 7.45 -2.52
C SER A 15 26.55 8.69 -1.79
N GLU A 16 25.51 9.35 -2.30
CA GLU A 16 24.93 10.57 -1.66
C GLU A 16 23.93 10.16 -0.58
N THR A 17 23.41 11.15 0.14
CA THR A 17 22.41 10.97 1.22
C THR A 17 21.00 11.15 0.63
N LEU A 18 20.15 10.15 0.83
CA LEU A 18 18.69 10.24 0.59
C LEU A 18 18.06 10.92 1.81
N SER A 19 17.31 12.00 1.59
CA SER A 19 16.54 12.74 2.63
C SER A 19 15.06 12.75 2.25
N LEU A 20 14.20 12.25 3.15
CA LEU A 20 12.73 12.29 2.99
C LEU A 20 12.12 12.88 4.26
N THR A 21 11.00 13.59 4.09
CA THR A 21 10.20 14.18 5.19
C THR A 21 8.78 13.63 5.07
N CYS A 22 8.14 13.44 6.21
CA CYS A 22 6.73 13.01 6.32
C CYS A 22 5.94 14.10 7.04
N ALA A 23 4.98 14.71 6.36
CA ALA A 23 4.06 15.73 6.93
C ALA A 23 2.81 15.02 7.43
N VAL A 24 2.52 15.14 8.73
CA VAL A 24 1.37 14.48 9.40
C VAL A 24 0.24 15.50 9.57
N SER A 25 -0.99 15.11 9.20
CA SER A 25 -2.21 15.95 9.23
C SER A 25 -3.32 15.25 10.00
N GLY A 26 -4.22 16.01 10.64
CA GLY A 26 -5.45 15.50 11.27
C GLY A 26 -5.28 15.19 12.76
N HIS A 27 -4.04 14.95 13.21
CA HIS A 27 -3.68 14.76 14.64
C HIS A 27 -2.21 15.09 14.84
N SER A 28 -1.82 15.41 16.08
CA SER A 28 -0.42 15.74 16.47
C SER A 28 0.42 14.48 16.55
N ILE A 29 1.71 14.58 16.21
CA ILE A 29 2.74 13.53 16.43
C ILE A 29 2.95 13.36 17.94
N ARG A 30 2.92 14.45 18.71
CA ARG A 30 2.97 14.38 20.19
C ARG A 30 1.81 13.49 20.66
N GLY A 31 2.14 12.39 21.31
CA GLY A 31 1.16 11.36 21.74
C GLY A 31 1.83 10.04 22.04
N SER A 32 1.07 8.95 21.98
CA SER A 32 1.49 7.63 22.51
C SER A 32 1.88 6.65 21.39
N TYR A 33 2.00 7.10 20.14
CA TYR A 33 2.26 6.23 18.95
C TYR A 33 3.70 6.38 18.47
N PHE A 34 4.20 5.32 17.82
CA PHE A 34 5.48 5.33 17.07
C PHE A 34 5.19 5.70 15.62
N TRP A 35 6.15 6.37 14.99
CA TRP A 35 6.05 6.90 13.61
C TRP A 35 7.20 6.32 12.80
N GLY A 36 6.88 5.58 11.73
CA GLY A 36 7.84 4.67 11.07
C GLY A 36 8.09 5.01 9.61
N TRP A 37 9.24 4.58 9.12
CA TRP A 37 9.59 4.54 7.68
C TRP A 37 9.70 3.08 7.24
N ILE A 38 9.05 2.75 6.13
CA ILE A 38 9.01 1.38 5.54
C ILE A 38 9.30 1.55 4.05
N ARG A 39 10.11 0.67 3.46
CA ARG A 39 10.38 0.78 2.00
C ARG A 39 10.06 -0.53 1.29
N GLN A 40 9.87 -0.42 -0.01
CA GLN A 40 9.52 -1.58 -0.86
C GLN A 40 10.24 -1.42 -2.19
N PRO A 41 11.35 -2.15 -2.42
CA PRO A 41 11.96 -2.15 -3.75
C PRO A 41 10.95 -2.64 -4.78
N PRO A 42 11.05 -2.18 -6.05
CA PRO A 42 10.09 -2.56 -7.09
C PRO A 42 9.95 -4.09 -7.16
N GLY A 43 8.71 -4.58 -7.01
CA GLY A 43 8.34 -6.01 -7.11
C GLY A 43 8.83 -6.86 -5.95
N ARG A 44 9.29 -6.23 -4.85
CA ARG A 44 9.87 -6.94 -3.67
C ARG A 44 8.99 -6.69 -2.44
N GLY A 45 9.40 -7.22 -1.28
CA GLY A 45 8.65 -7.16 -0.02
C GLY A 45 8.87 -5.85 0.74
N LEU A 46 8.17 -5.70 1.84
CA LEU A 46 8.26 -4.53 2.75
C LEU A 46 9.43 -4.72 3.71
N GLU A 47 10.26 -3.69 3.86
CA GLU A 47 11.37 -3.63 4.83
C GLU A 47 11.14 -2.42 5.75
N TRP A 48 10.94 -2.67 7.04
CA TRP A 48 10.88 -1.60 8.06
C TRP A 48 12.28 -1.00 8.21
N ILE A 49 12.39 0.33 8.18
CA ILE A 49 13.70 1.05 8.26
C ILE A 49 13.94 1.50 9.70
N GLY A 50 12.96 2.17 10.27
CA GLY A 50 13.09 2.72 11.63
C GLY A 50 11.84 3.44 12.06
N SER A 51 11.69 3.63 13.37
CA SER A 51 10.53 4.32 13.97
C SER A 51 11.03 5.27 15.05
N ILE A 52 10.21 6.27 15.35
CA ILE A 52 10.57 7.35 16.31
C ILE A 52 9.34 7.70 17.14
N TYR A 53 9.56 7.96 18.43
CA TYR A 53 8.57 8.49 19.40
C TYR A 53 8.69 10.01 19.37
N HIS A 54 7.64 10.74 19.72
CA HIS A 54 7.61 12.23 19.67
C HIS A 54 8.81 12.80 20.44
N SER A 55 9.28 12.08 21.46
CA SER A 55 10.42 12.46 22.36
C SER A 55 11.75 12.43 21.61
N GLY A 56 11.85 11.68 20.51
CA GLY A 56 13.05 11.55 19.67
C GLY A 56 13.74 10.20 19.84
N SER A 57 13.27 9.36 20.75
CA SER A 57 13.76 7.98 20.96
C SER A 57 13.46 7.16 19.72
N THR A 58 14.46 6.45 19.18
CA THR A 58 14.36 5.75 17.88
C THR A 58 14.65 4.25 18.04
N TYR A 59 14.09 3.46 17.14
CA TYR A 59 14.51 2.06 16.84
C TYR A 59 14.81 2.01 15.34
N THR A 60 15.91 1.36 14.98
CA THR A 60 16.40 1.26 13.59
C THR A 60 16.64 -0.21 13.26
N ASN A 61 16.31 -0.59 12.03
CA ASN A 61 16.62 -1.93 11.46
C ASN A 61 18.12 -2.16 11.63
N PRO A 62 18.56 -3.27 12.27
CA PRO A 62 19.98 -3.56 12.41
C PRO A 62 20.79 -3.50 11.11
N SER A 63 20.19 -3.86 9.97
CA SER A 63 20.88 -3.87 8.64
C SER A 63 21.18 -2.44 8.17
N LEU A 64 20.45 -1.44 8.68
CA LEU A 64 20.54 -0.03 8.22
C LEU A 64 21.07 0.89 9.31
N LYS A 65 21.43 0.37 10.49
CA LYS A 65 21.88 1.18 11.67
C LYS A 65 23.13 2.00 11.32
N SER A 66 23.96 1.53 10.40
CA SER A 66 25.24 2.20 10.04
C SER A 66 24.98 3.42 9.15
N ARG A 67 23.80 3.52 8.52
CA ARG A 67 23.52 4.49 7.42
C ARG A 67 22.26 5.31 7.64
N ALA A 68 21.30 4.84 8.45
CA ALA A 68 19.95 5.44 8.56
C ALA A 68 19.81 6.24 9.86
N THR A 69 19.23 7.42 9.76
CA THR A 69 18.84 8.28 10.90
C THR A 69 17.36 8.65 10.76
N ILE A 70 16.58 8.40 11.81
CA ILE A 70 15.17 8.88 11.94
C ILE A 70 15.20 10.10 12.87
N SER A 71 14.53 11.17 12.48
CA SER A 71 14.41 12.39 13.30
C SER A 71 12.96 12.87 13.30
N VAL A 72 12.61 13.70 14.29
CA VAL A 72 11.23 14.20 14.47
C VAL A 72 11.33 15.69 14.79
N ASP A 73 10.41 16.47 14.23
CA ASP A 73 10.25 17.92 14.49
C ASP A 73 8.77 18.12 14.85
N THR A 74 8.44 17.97 16.14
CA THR A 74 7.07 18.18 16.69
C THR A 74 6.65 19.64 16.43
N SER A 75 7.61 20.56 16.33
CA SER A 75 7.38 22.00 15.98
C SER A 75 6.68 22.12 14.62
N LYS A 76 6.92 21.19 13.68
CA LYS A 76 6.34 21.22 12.31
C LYS A 76 5.42 20.01 12.06
N ASN A 77 5.17 19.17 13.07
CA ASN A 77 4.37 17.92 12.98
C ASN A 77 4.88 17.08 11.81
N GLN A 78 6.19 16.89 11.74
CA GLN A 78 6.85 16.07 10.69
C GLN A 78 7.86 15.13 11.36
N PHE A 79 8.18 14.04 10.67
CA PHE A 79 9.37 13.20 10.98
C PHE A 79 10.05 12.87 9.65
N SER A 80 11.29 12.43 9.72
CA SER A 80 12.20 12.46 8.55
C SER A 80 13.13 11.25 8.59
N LEU A 81 13.64 10.89 7.41
CA LEU A 81 14.60 9.79 7.21
C LEU A 81 15.81 10.37 6.48
N LYS A 82 17.00 10.08 6.98
CA LYS A 82 18.27 10.28 6.23
C LYS A 82 18.91 8.90 6.06
N LEU A 83 19.26 8.56 4.84
CA LEU A 83 19.97 7.30 4.49
C LEU A 83 21.25 7.65 3.73
N ASN A 84 22.40 7.40 4.34
CA ASN A 84 23.73 7.77 3.79
C ASN A 84 24.18 6.71 2.78
N SER A 85 25.11 7.08 1.91
CA SER A 85 25.90 6.12 1.07
C SER A 85 24.95 5.26 0.22
N VAL A 86 23.96 5.86 -0.44
CA VAL A 86 22.89 5.11 -1.16
C VAL A 86 23.49 4.35 -2.36
N THR A 87 22.87 3.22 -2.68
CA THR A 87 23.19 2.38 -3.86
C THR A 87 21.90 2.01 -4.57
N ALA A 88 22.00 1.32 -5.70
CA ALA A 88 20.85 0.79 -6.47
C ALA A 88 19.95 -0.06 -5.56
N ALA A 89 20.52 -0.74 -4.55
CA ALA A 89 19.76 -1.55 -3.58
C ALA A 89 18.75 -0.68 -2.81
N ASP A 90 18.98 0.64 -2.76
CA ASP A 90 18.11 1.58 -2.00
C ASP A 90 17.00 2.15 -2.88
N THR A 91 16.98 1.85 -4.18
CA THR A 91 15.85 2.19 -5.08
C THR A 91 14.61 1.48 -4.54
N ALA A 92 13.57 2.24 -4.20
CA ALA A 92 12.37 1.70 -3.54
C ALA A 92 11.29 2.78 -3.44
N VAL A 93 10.05 2.36 -3.24
CA VAL A 93 8.98 3.25 -2.73
C VAL A 93 9.17 3.33 -1.21
N TYR A 94 9.31 4.55 -0.69
CA TYR A 94 9.47 4.86 0.75
C TYR A 94 8.13 5.35 1.28
N TYR A 95 7.64 4.69 2.32
CA TYR A 95 6.38 5.01 3.02
C TYR A 95 6.70 5.53 4.42
N CYS A 96 5.96 6.54 4.86
CA CYS A 96 5.89 6.89 6.29
C CYS A 96 4.55 6.40 6.83
N ALA A 97 4.49 6.08 8.12
CA ALA A 97 3.29 5.50 8.75
C ALA A 97 3.22 5.89 10.22
N ARG A 98 2.01 5.87 10.77
CA ARG A 98 1.80 5.65 12.22
C ARG A 98 1.84 4.14 12.44
N ASP A 99 2.83 3.67 13.18
CA ASP A 99 3.05 2.20 13.39
C ASP A 99 1.85 1.60 14.09
N LEU A 100 1.35 0.47 13.58
CA LEU A 100 0.38 -0.36 14.32
C LEU A 100 1.07 -0.86 15.60
N ASP A 101 0.32 -0.97 16.69
CA ASP A 101 0.78 -1.64 17.93
C ASP A 101 -0.38 -2.42 18.53
N ILE A 102 -0.09 -3.23 19.54
CA ILE A 102 -1.06 -4.20 20.15
C ILE A 102 -2.09 -3.44 21.01
N ALA A 103 -1.94 -2.13 21.16
CA ALA A 103 -2.84 -1.28 22.00
C ALA A 103 -3.75 -0.40 21.12
N THR A 104 -3.85 -0.67 19.82
CA THR A 104 -4.76 0.10 18.92
C THR A 104 -5.41 -0.85 17.91
N THR A 105 -6.35 -0.32 17.13
CA THR A 105 -7.17 -1.07 16.15
C THR A 105 -6.87 -0.55 14.73
N ARG A 106 -5.95 0.41 14.60
CA ARG A 106 -5.81 1.18 13.34
C ARG A 106 -4.37 1.66 13.17
N ASP A 107 -3.91 1.70 11.92
CA ASP A 107 -2.68 2.44 11.56
C ASP A 107 -2.99 3.32 10.35
N TYR A 108 -2.00 4.10 9.93
CA TYR A 108 -2.11 5.07 8.82
C TYR A 108 -0.81 5.06 8.05
N TRP A 109 -0.92 5.09 6.72
CA TRP A 109 0.23 5.07 5.78
C TRP A 109 0.12 6.27 4.84
N GLY A 110 1.26 6.88 4.49
CA GLY A 110 1.40 7.75 3.32
C GLY A 110 1.18 6.99 2.02
N GLN A 111 1.06 7.70 0.91
CA GLN A 111 0.86 7.14 -0.46
C GLN A 111 2.16 6.53 -0.97
N GLY A 112 3.29 6.82 -0.33
CA GLY A 112 4.62 6.37 -0.75
C GLY A 112 5.23 7.32 -1.78
N THR A 113 6.55 7.43 -1.79
CA THR A 113 7.31 8.21 -2.78
C THR A 113 8.43 7.33 -3.34
N LEU A 114 8.53 7.25 -4.66
CA LEU A 114 9.60 6.48 -5.34
C LEU A 114 10.89 7.27 -5.25
N VAL A 115 11.97 6.61 -4.82
CA VAL A 115 13.35 7.14 -4.94
C VAL A 115 14.15 6.18 -5.82
N THR A 116 14.68 6.70 -6.91
CA THR A 116 15.58 5.99 -7.84
C THR A 116 17.01 6.43 -7.52
N VAL A 117 17.91 5.48 -7.27
CA VAL A 117 19.35 5.76 -7.07
C VAL A 117 20.06 5.46 -8.40
N SER A 118 20.50 6.50 -9.09
CA SER A 118 21.11 6.43 -10.45
C SER A 118 21.94 7.68 -10.72
N SER A 119 22.99 7.52 -11.53
CA SER A 119 23.88 8.59 -12.02
C SER A 119 23.24 9.28 -13.24
N ALA A 120 22.26 8.63 -13.88
CA ALA A 120 21.61 9.10 -15.12
C ALA A 120 20.88 10.44 -14.86
N SER A 121 20.84 11.31 -15.87
CA SER A 121 20.23 12.66 -15.80
C SER A 121 18.71 12.57 -16.01
N THR A 122 17.97 13.51 -15.41
CA THR A 122 16.53 13.74 -15.64
C THR A 122 16.30 14.10 -17.11
N LYS A 123 15.37 13.42 -17.78
CA LYS A 123 14.95 13.74 -19.17
C LYS A 123 13.42 13.71 -19.25
N GLY A 124 12.82 14.73 -19.87
CA GLY A 124 11.36 14.85 -20.07
C GLY A 124 10.91 14.04 -21.28
N PRO A 125 9.67 13.49 -21.27
CA PRO A 125 9.19 12.68 -22.37
C PRO A 125 8.74 13.48 -23.60
N SER A 126 8.76 12.81 -24.76
CA SER A 126 7.97 13.17 -25.96
C SER A 126 6.64 12.42 -25.88
N VAL A 127 5.54 13.07 -26.27
CA VAL A 127 4.17 12.45 -26.23
C VAL A 127 3.64 12.37 -27.66
N PHE A 128 3.43 11.15 -28.15
CA PHE A 128 2.98 10.86 -29.54
C PHE A 128 1.58 10.26 -29.48
N PRO A 129 0.67 10.61 -30.41
CA PRO A 129 -0.68 10.03 -30.43
C PRO A 129 -0.64 8.58 -30.91
N LEU A 130 -1.55 7.75 -30.38
CA LEU A 130 -1.85 6.39 -30.90
C LEU A 130 -3.26 6.42 -31.48
N ALA A 131 -3.36 6.35 -32.81
CA ALA A 131 -4.62 6.42 -33.57
C ALA A 131 -4.59 5.39 -34.69
N PRO A 132 -5.74 4.76 -35.04
CA PRO A 132 -5.78 3.77 -36.11
C PRO A 132 -5.36 4.40 -37.44
N CYS A 133 -4.78 3.58 -38.34
CA CYS A 133 -4.37 4.00 -39.71
C CYS A 133 -5.56 4.68 -40.40
N SER A 134 -6.77 4.11 -40.26
CA SER A 134 -8.04 4.66 -40.81
C SER A 134 -9.17 4.49 -39.80
N ARG A 135 -9.94 5.57 -39.57
CA ARG A 135 -11.10 5.63 -38.63
C ARG A 135 -12.29 4.91 -39.27
N SER A 136 -12.95 4.02 -38.52
CA SER A 136 -14.06 3.16 -38.99
C SER A 136 -15.05 2.89 -37.85
N THR A 137 -16.35 2.87 -38.16
CA THR A 137 -17.45 2.47 -37.24
C THR A 137 -17.86 1.02 -37.54
N SER A 138 -16.94 0.23 -38.11
CA SER A 138 -17.18 -1.15 -38.61
C SER A 138 -17.51 -2.09 -37.44
N GLU A 139 -16.84 -1.94 -36.30
CA GLU A 139 -17.22 -2.60 -35.01
C GLU A 139 -17.48 -1.51 -33.95
N SER A 140 -18.17 -1.89 -32.88
CA SER A 140 -18.69 -0.99 -31.81
C SER A 140 -17.55 -0.21 -31.15
N THR A 141 -16.43 -0.87 -30.87
CA THR A 141 -15.35 -0.39 -29.97
C THR A 141 -14.09 -0.04 -30.79
N ALA A 142 -13.50 1.13 -30.53
CA ALA A 142 -12.21 1.58 -31.11
C ALA A 142 -11.24 1.96 -29.98
N ALA A 143 -9.94 1.80 -30.23
CA ALA A 143 -8.85 2.13 -29.27
C ALA A 143 -8.13 3.41 -29.72
N LEU A 144 -7.85 4.29 -28.76
CA LEU A 144 -6.94 5.46 -28.92
C LEU A 144 -5.90 5.39 -27.80
N GLY A 145 -4.84 6.18 -27.92
CA GLY A 145 -3.81 6.18 -26.85
C GLY A 145 -2.79 7.30 -27.01
N CYS A 146 -1.85 7.32 -26.08
CA CYS A 146 -0.65 8.20 -26.10
C CYS A 146 0.58 7.37 -25.76
N LEU A 147 1.62 7.50 -26.58
CA LEU A 147 2.96 6.92 -26.33
C LEU A 147 3.79 8.00 -25.64
N VAL A 148 4.20 7.75 -24.39
CA VAL A 148 5.05 8.66 -23.58
C VAL A 148 6.47 8.09 -23.61
N LYS A 149 7.33 8.64 -24.47
CA LYS A 149 8.61 8.01 -24.87
C LYS A 149 9.80 8.81 -24.35
N ASP A 150 10.82 8.09 -23.85
CA ASP A 150 12.21 8.59 -23.62
C ASP A 150 12.23 9.57 -22.45
N TYR A 151 11.87 9.12 -21.26
CA TYR A 151 11.90 9.94 -20.02
C TYR A 151 12.67 9.21 -18.93
N PHE A 152 13.11 9.98 -17.92
CA PHE A 152 13.84 9.47 -16.74
C PHE A 152 13.82 10.54 -15.66
N PRO A 153 13.61 10.21 -14.37
CA PRO A 153 13.26 8.86 -13.92
C PRO A 153 11.75 8.64 -13.93
N GLU A 154 11.29 7.49 -13.43
CA GLU A 154 9.87 7.28 -13.07
C GLU A 154 9.50 8.25 -11.96
N PRO A 155 8.20 8.58 -11.75
CA PRO A 155 7.10 8.15 -12.62
C PRO A 155 6.59 9.23 -13.58
N VAL A 156 5.70 8.84 -14.49
CA VAL A 156 4.78 9.76 -15.22
C VAL A 156 3.35 9.39 -14.83
N THR A 157 2.45 10.37 -14.80
CA THR A 157 0.99 10.15 -14.67
C THR A 157 0.34 10.50 -16.01
N VAL A 158 -0.72 9.77 -16.36
CA VAL A 158 -1.55 10.01 -17.57
C VAL A 158 -3.01 9.97 -17.14
N SER A 159 -3.76 11.03 -17.43
CA SER A 159 -5.24 11.06 -17.34
C SER A 159 -5.79 11.27 -18.75
N TRP A 160 -7.12 11.17 -18.91
CA TRP A 160 -7.82 11.41 -20.19
C TRP A 160 -8.95 12.41 -19.97
N ASN A 161 -8.98 13.47 -20.79
CA ASN A 161 -9.97 14.58 -20.74
C ASN A 161 -9.97 15.15 -19.32
N SER A 162 -8.78 15.41 -18.76
CA SER A 162 -8.54 16.00 -17.42
C SER A 162 -9.26 15.19 -16.34
N GLY A 163 -9.24 13.85 -16.45
CA GLY A 163 -9.75 12.91 -15.44
C GLY A 163 -11.25 12.62 -15.62
N ALA A 164 -11.90 13.23 -16.62
CA ALA A 164 -13.34 13.06 -16.89
C ALA A 164 -13.59 11.71 -17.56
N LEU A 165 -12.60 11.17 -18.27
CA LEU A 165 -12.65 9.85 -18.95
C LEU A 165 -11.76 8.86 -18.19
N THR A 166 -12.37 7.89 -17.50
CA THR A 166 -11.69 6.85 -16.67
C THR A 166 -12.05 5.45 -17.18
N SER A 167 -13.30 5.23 -17.59
CA SER A 167 -13.82 3.93 -18.11
C SER A 167 -12.98 3.49 -19.33
N GLY A 168 -12.51 2.24 -19.31
CA GLY A 168 -11.81 1.60 -20.45
C GLY A 168 -10.38 2.10 -20.64
N VAL A 169 -9.84 2.86 -19.67
CA VAL A 169 -8.45 3.37 -19.71
C VAL A 169 -7.52 2.28 -19.17
N HIS A 170 -6.42 2.01 -19.90
CA HIS A 170 -5.30 1.14 -19.46
C HIS A 170 -3.99 1.92 -19.63
N THR A 171 -3.36 2.27 -18.50
CA THR A 171 -2.01 2.90 -18.46
C THR A 171 -1.02 1.81 -18.07
N PHE A 172 -0.16 1.43 -19.02
CA PHE A 172 0.76 0.27 -18.90
C PHE A 172 1.93 0.61 -18.00
N PRO A 173 2.50 -0.38 -17.30
CA PRO A 173 3.78 -0.20 -16.64
C PRO A 173 4.80 0.32 -17.67
N ALA A 174 5.68 1.23 -17.25
CA ALA A 174 6.80 1.72 -18.06
C ALA A 174 7.72 0.55 -18.39
N VAL A 175 8.31 0.59 -19.58
CA VAL A 175 9.40 -0.34 -20.00
C VAL A 175 10.71 0.46 -20.01
N LEU A 176 11.77 -0.12 -19.45
CA LEU A 176 13.14 0.43 -19.56
C LEU A 176 13.71 0.02 -20.93
N GLN A 177 13.96 1.00 -21.79
CA GLN A 177 14.56 0.78 -23.13
C GLN A 177 16.06 0.56 -22.99
N SER A 178 16.70 -0.05 -24.00
CA SER A 178 18.17 -0.27 -24.07
C SER A 178 18.93 1.05 -23.89
N SER A 179 18.31 2.17 -24.28
CA SER A 179 18.86 3.55 -24.16
C SER A 179 19.04 3.95 -22.68
N GLY A 180 18.35 3.26 -21.76
CA GLY A 180 18.32 3.59 -20.33
C GLY A 180 17.23 4.58 -19.99
N LEU A 181 16.38 4.93 -20.97
CA LEU A 181 15.20 5.82 -20.80
C LEU A 181 13.93 4.98 -20.78
N TYR A 182 12.90 5.45 -20.08
CA TYR A 182 11.60 4.77 -19.96
C TYR A 182 10.69 5.16 -21.12
N SER A 183 9.75 4.27 -21.43
CA SER A 183 8.62 4.52 -22.34
C SER A 183 7.37 3.88 -21.75
N LEU A 184 6.23 4.57 -21.86
CA LEU A 184 4.92 4.18 -21.30
C LEU A 184 3.87 4.40 -22.38
N SER A 185 2.88 3.53 -22.48
CA SER A 185 1.68 3.70 -23.35
C SER A 185 0.45 3.77 -22.46
N SER A 186 -0.45 4.71 -22.74
CA SER A 186 -1.81 4.79 -22.15
C SER A 186 -2.81 4.67 -23.29
N VAL A 187 -3.79 3.79 -23.14
CA VAL A 187 -4.83 3.54 -24.18
C VAL A 187 -6.20 3.67 -23.52
N VAL A 188 -7.22 3.95 -24.32
CA VAL A 188 -8.65 3.96 -23.90
C VAL A 188 -9.47 3.36 -25.04
N THR A 189 -10.44 2.50 -24.70
CA THR A 189 -11.45 1.97 -25.64
C THR A 189 -12.72 2.80 -25.51
N VAL A 190 -13.25 3.26 -26.63
CA VAL A 190 -14.45 4.15 -26.71
C VAL A 190 -15.34 3.63 -27.83
N PRO A 191 -16.67 3.89 -27.79
CA PRO A 191 -17.52 3.62 -28.95
C PRO A 191 -16.92 4.28 -30.19
N SER A 192 -16.66 3.50 -31.25
CA SER A 192 -16.20 3.99 -32.57
C SER A 192 -17.18 5.05 -33.07
N SER A 193 -18.44 4.94 -32.66
CA SER A 193 -19.55 5.92 -32.84
C SER A 193 -19.11 7.35 -32.45
N SER A 194 -18.30 7.49 -31.40
CA SER A 194 -17.98 8.77 -30.71
C SER A 194 -16.80 9.50 -31.35
N LEU A 195 -16.02 8.83 -32.21
CA LEU A 195 -14.73 9.34 -32.76
C LEU A 195 -14.95 10.61 -33.58
N GLY A 196 -16.06 10.67 -34.34
CA GLY A 196 -16.41 11.83 -35.20
C GLY A 196 -16.79 13.06 -34.39
N THR A 197 -17.39 12.86 -33.20
CA THR A 197 -18.13 13.91 -32.44
C THR A 197 -17.32 14.34 -31.21
N LYS A 198 -16.94 13.40 -30.34
CA LYS A 198 -16.35 13.69 -29.00
C LYS A 198 -14.82 13.75 -29.11
N THR A 199 -14.19 14.59 -28.28
CA THR A 199 -12.74 14.91 -28.30
C THR A 199 -12.03 14.09 -27.21
N TYR A 200 -10.82 13.61 -27.51
CA TYR A 200 -10.00 12.73 -26.62
C TYR A 200 -8.58 13.30 -26.52
N THR A 201 -8.20 13.74 -25.32
CA THR A 201 -6.88 14.35 -24.99
C THR A 201 -6.27 13.58 -23.82
N CYS A 202 -5.00 13.18 -23.95
CA CYS A 202 -4.22 12.60 -22.82
C CYS A 202 -3.44 13.73 -22.15
N ASN A 203 -3.44 13.74 -20.82
CA ASN A 203 -2.74 14.75 -19.98
C ASN A 203 -1.56 14.04 -19.32
N VAL A 204 -0.34 14.35 -19.77
CA VAL A 204 0.92 13.69 -19.31
C VAL A 204 1.66 14.64 -18.36
N ASP A 205 2.06 14.13 -17.19
CA ASP A 205 2.83 14.86 -16.16
C ASP A 205 4.11 14.07 -15.86
N HIS A 206 5.28 14.67 -16.12
CA HIS A 206 6.61 14.18 -15.67
C HIS A 206 7.21 15.24 -14.75
N LYS A 207 6.91 15.14 -13.44
CA LYS A 207 7.27 16.14 -12.41
C LYS A 207 8.77 16.37 -12.37
N PRO A 208 9.62 15.31 -12.41
CA PRO A 208 11.08 15.50 -12.36
C PRO A 208 11.64 16.49 -13.39
N SER A 209 11.06 16.56 -14.59
CA SER A 209 11.50 17.43 -15.72
C SER A 209 10.59 18.65 -15.87
N ASN A 210 9.60 18.81 -14.99
CA ASN A 210 8.60 19.91 -15.02
C ASN A 210 7.90 19.92 -16.39
N THR A 211 7.57 18.73 -16.90
CA THR A 211 6.87 18.51 -18.20
C THR A 211 5.38 18.27 -17.93
N LYS A 212 4.53 19.17 -18.41
CA LYS A 212 3.05 18.97 -18.52
C LYS A 212 2.66 19.12 -20.00
N VAL A 213 2.23 18.03 -20.64
CA VAL A 213 1.82 18.02 -22.07
C VAL A 213 0.35 17.56 -22.16
N ASP A 214 -0.44 18.26 -22.97
CA ASP A 214 -1.82 17.84 -23.36
C ASP A 214 -1.80 17.52 -24.86
N LYS A 215 -1.90 16.23 -25.22
CA LYS A 215 -1.87 15.77 -26.62
C LYS A 215 -3.29 15.39 -27.07
N ARG A 216 -3.83 16.10 -28.07
CA ARG A 216 -5.10 15.75 -28.74
C ARG A 216 -4.83 14.53 -29.63
N VAL A 217 -5.60 13.46 -29.46
CA VAL A 217 -5.51 12.20 -30.25
C VAL A 217 -6.70 12.17 -31.21
N GLU A 218 -6.43 12.12 -32.52
CA GLU A 218 -7.45 12.21 -33.61
C GLU A 218 -7.32 11.01 -34.53
N ASP B 1 15.35 -11.05 17.78
CA ASP B 1 14.52 -10.46 16.68
C ASP B 1 13.57 -11.53 16.13
N ILE B 2 12.39 -11.11 15.67
CA ILE B 2 11.35 -12.03 15.11
C ILE B 2 11.54 -12.13 13.60
N GLN B 3 11.71 -13.35 13.08
CA GLN B 3 11.69 -13.65 11.63
C GLN B 3 10.31 -14.26 11.32
N LEU B 4 9.76 -13.92 10.15
CA LEU B 4 8.45 -14.43 9.69
C LEU B 4 8.65 -15.20 8.39
N THR B 5 8.09 -16.41 8.31
CA THR B 5 8.07 -17.27 7.11
C THR B 5 6.64 -17.31 6.59
N GLN B 6 6.37 -16.69 5.44
CA GLN B 6 5.02 -16.61 4.85
C GLN B 6 4.93 -17.57 3.67
N SER B 7 3.83 -18.31 3.59
CA SER B 7 3.56 -19.27 2.48
C SER B 7 2.07 -19.24 2.15
N PRO B 8 1.66 -19.43 0.88
CA PRO B 8 2.59 -19.60 -0.24
C PRO B 8 3.14 -18.26 -0.78
N SER B 9 3.92 -18.31 -1.86
CA SER B 9 4.52 -17.10 -2.50
C SER B 9 3.51 -16.50 -3.48
N PHE B 10 2.80 -17.35 -4.22
CA PHE B 10 1.83 -16.95 -5.25
C PHE B 10 0.73 -18.00 -5.31
N LEU B 11 -0.51 -17.57 -5.52
CA LEU B 11 -1.62 -18.51 -5.80
C LEU B 11 -2.59 -17.85 -6.78
N SER B 12 -3.18 -18.69 -7.63
CA SER B 12 -4.29 -18.38 -8.56
C SER B 12 -5.48 -19.22 -8.08
N ALA B 13 -6.60 -18.57 -7.75
CA ALA B 13 -7.81 -19.24 -7.24
C ALA B 13 -9.05 -18.58 -7.85
N SER B 14 -10.14 -19.34 -7.94
CA SER B 14 -11.40 -18.91 -8.61
C SER B 14 -12.24 -18.09 -7.63
N VAL B 15 -13.08 -17.19 -8.17
CA VAL B 15 -14.10 -16.44 -7.38
C VAL B 15 -14.93 -17.45 -6.61
N GLY B 16 -15.07 -17.26 -5.29
CA GLY B 16 -15.84 -18.12 -4.40
C GLY B 16 -14.96 -19.13 -3.65
N ASP B 17 -13.70 -19.29 -4.04
CA ASP B 17 -12.78 -20.26 -3.39
C ASP B 17 -12.41 -19.76 -1.99
N ARG B 18 -12.18 -20.70 -1.08
CA ARG B 18 -11.56 -20.43 0.23
C ARG B 18 -10.04 -20.35 0.04
N VAL B 19 -9.43 -19.22 0.42
CA VAL B 19 -7.96 -18.99 0.29
C VAL B 19 -7.33 -19.02 1.69
N THR B 20 -6.25 -19.80 1.84
CA THR B 20 -5.51 -19.99 3.11
C THR B 20 -4.08 -19.46 2.92
N ILE B 21 -3.68 -18.51 3.76
CA ILE B 21 -2.32 -17.91 3.76
C ILE B 21 -1.75 -18.05 5.17
N ILE B 22 -0.49 -18.49 5.29
CA ILE B 22 0.09 -18.82 6.63
C ILE B 22 1.37 -18.00 6.84
N CYS B 23 1.54 -17.52 8.07
CA CYS B 23 2.79 -16.87 8.56
C CYS B 23 3.25 -17.63 9.81
N ARG B 24 4.50 -18.08 9.81
CA ARG B 24 5.15 -18.77 10.95
C ARG B 24 6.19 -17.81 11.55
N ALA B 25 6.05 -17.54 12.84
CA ALA B 25 7.01 -16.70 13.62
C ALA B 25 8.13 -17.60 14.16
N SER B 26 9.35 -17.05 14.24
CA SER B 26 10.58 -17.76 14.67
C SER B 26 10.50 -18.13 16.15
N GLN B 27 9.65 -17.43 16.91
CA GLN B 27 9.38 -17.73 18.34
C GLN B 27 7.95 -17.28 18.66
N GLY B 28 7.42 -17.70 19.81
CA GLY B 28 6.05 -17.35 20.25
C GLY B 28 5.89 -15.85 20.34
N ILE B 29 4.83 -15.32 19.74
CA ILE B 29 4.52 -13.86 19.77
C ILE B 29 3.06 -13.66 20.19
N ASN B 30 2.50 -14.60 20.99
CA ASN B 30 1.12 -14.49 21.50
C ASN B 30 0.19 -14.32 20.29
N ASN B 31 -0.67 -13.30 20.27
CA ASN B 31 -1.52 -12.97 19.09
C ASN B 31 -1.09 -11.63 18.51
N TYR B 32 0.18 -11.25 18.65
CA TYR B 32 0.72 -9.91 18.29
C TYR B 32 1.14 -9.92 16.81
N LEU B 33 0.14 -10.08 15.94
CA LEU B 33 0.36 -10.21 14.50
C LEU B 33 -0.83 -9.61 13.75
N ALA B 34 -0.54 -8.91 12.66
CA ALA B 34 -1.54 -8.21 11.84
C ALA B 34 -1.40 -8.69 10.39
N TRP B 35 -2.52 -8.68 9.67
CA TRP B 35 -2.58 -9.01 8.23
C TRP B 35 -2.92 -7.76 7.42
N TYR B 36 -2.21 -7.56 6.31
CA TYR B 36 -2.36 -6.41 5.39
C TYR B 36 -2.68 -6.92 3.98
N GLN B 37 -3.44 -6.10 3.24
CA GLN B 37 -3.71 -6.24 1.80
C GLN B 37 -3.02 -5.08 1.07
N GLN B 38 -2.16 -5.37 0.11
CA GLN B 38 -1.51 -4.31 -0.70
C GLN B 38 -1.91 -4.45 -2.17
N LYS B 39 -2.71 -3.51 -2.66
CA LYS B 39 -3.03 -3.39 -4.10
C LYS B 39 -1.87 -2.67 -4.80
N PRO B 40 -1.54 -3.03 -6.05
CA PRO B 40 -0.42 -2.40 -6.76
C PRO B 40 -0.54 -0.86 -6.77
N GLY B 41 0.57 -0.18 -6.49
CA GLY B 41 0.67 1.29 -6.48
C GLY B 41 0.04 1.92 -5.25
N LYS B 42 -0.36 1.12 -4.25
CA LYS B 42 -1.01 1.63 -3.01
C LYS B 42 -0.22 1.16 -1.79
N ALA B 43 -0.38 1.85 -0.67
CA ALA B 43 0.17 1.46 0.64
C ALA B 43 -0.52 0.18 1.12
N PRO B 44 0.17 -0.65 1.93
CA PRO B 44 -0.48 -1.79 2.57
C PRO B 44 -1.64 -1.29 3.42
N LYS B 45 -2.76 -2.01 3.40
CA LYS B 45 -4.01 -1.66 4.13
C LYS B 45 -4.30 -2.75 5.16
N LEU B 46 -4.46 -2.36 6.43
CA LEU B 46 -4.72 -3.31 7.55
C LEU B 46 -6.07 -4.01 7.33
N LEU B 47 -6.09 -5.34 7.50
CA LEU B 47 -7.33 -6.18 7.50
C LEU B 47 -7.67 -6.59 8.93
N ILE B 48 -6.69 -7.19 9.59
CA ILE B 48 -6.87 -7.97 10.85
C ILE B 48 -5.71 -7.65 11.79
N TYR B 49 -6.01 -7.44 13.07
CA TYR B 49 -5.00 -7.24 14.14
C TYR B 49 -5.30 -8.23 15.26
N ALA B 50 -4.38 -8.33 16.23
CA ALA B 50 -4.46 -9.29 17.36
C ALA B 50 -4.73 -10.70 16.80
N ALA B 51 -4.14 -11.01 15.64
CA ALA B 51 -4.18 -12.32 14.94
C ALA B 51 -5.57 -12.60 14.34
N SER B 52 -6.67 -12.31 15.07
CA SER B 52 -8.02 -12.81 14.69
C SER B 52 -9.11 -11.73 14.79
N THR B 53 -8.77 -10.47 15.06
CA THR B 53 -9.77 -9.37 15.16
C THR B 53 -9.84 -8.63 13.82
N LEU B 54 -10.97 -8.77 13.12
CA LEU B 54 -11.26 -8.04 11.87
C LEU B 54 -11.43 -6.57 12.22
N GLN B 55 -10.67 -5.68 11.57
CA GLN B 55 -10.91 -4.23 11.73
C GLN B 55 -12.34 -3.91 11.27
N SER B 56 -13.12 -3.24 12.11
CA SER B 56 -14.50 -2.80 11.81
C SER B 56 -14.49 -2.00 10.50
N GLY B 57 -15.25 -2.46 9.50
CA GLY B 57 -15.34 -1.84 8.17
C GLY B 57 -14.69 -2.69 7.09
N VAL B 58 -13.81 -3.62 7.47
CA VAL B 58 -13.17 -4.57 6.52
C VAL B 58 -14.18 -5.66 6.21
N PRO B 59 -14.31 -6.11 4.93
CA PRO B 59 -15.30 -7.13 4.57
C PRO B 59 -15.17 -8.41 5.42
N SER B 60 -16.30 -9.02 5.77
CA SER B 60 -16.40 -10.14 6.73
C SER B 60 -15.78 -11.43 6.15
N ARG B 61 -15.54 -11.49 4.83
CA ARG B 61 -14.92 -12.69 4.18
C ARG B 61 -13.47 -12.84 4.63
N PHE B 62 -12.85 -11.79 5.18
CA PHE B 62 -11.47 -11.85 5.75
C PHE B 62 -11.56 -12.29 7.22
N SER B 63 -10.79 -13.31 7.60
CA SER B 63 -10.65 -13.77 9.00
C SER B 63 -9.21 -14.20 9.27
N GLY B 64 -8.81 -14.14 10.54
CA GLY B 64 -7.48 -14.55 11.02
C GLY B 64 -7.63 -15.53 12.16
N SER B 65 -6.66 -16.42 12.32
CA SER B 65 -6.61 -17.37 13.46
C SER B 65 -5.14 -17.61 13.85
N GLY B 66 -4.94 -18.09 15.06
CA GLY B 66 -3.62 -18.53 15.54
C GLY B 66 -3.14 -17.73 16.73
N SER B 67 -2.22 -18.32 17.49
CA SER B 67 -1.48 -17.67 18.59
C SER B 67 -0.25 -18.53 18.89
N GLY B 68 0.85 -17.88 19.27
CA GLY B 68 2.16 -18.52 19.41
C GLY B 68 3.00 -18.29 18.16
N THR B 69 3.09 -19.28 17.28
CA THR B 69 4.01 -19.24 16.12
C THR B 69 3.27 -19.38 14.79
N GLU B 70 2.10 -20.03 14.72
CA GLU B 70 1.42 -20.33 13.43
C GLU B 70 0.16 -19.47 13.28
N PHE B 71 0.12 -18.62 12.27
CA PHE B 71 -0.97 -17.65 12.01
C PHE B 71 -1.54 -17.88 10.61
N THR B 72 -2.87 -17.86 10.51
CA THR B 72 -3.59 -18.15 9.25
C THR B 72 -4.51 -16.99 8.90
N LEU B 73 -4.36 -16.48 7.68
CA LEU B 73 -5.31 -15.54 7.03
C LEU B 73 -6.20 -16.36 6.11
N THR B 74 -7.52 -16.24 6.24
CA THR B 74 -8.51 -16.93 5.38
C THR B 74 -9.33 -15.88 4.65
N ILE B 75 -9.47 -16.04 3.33
CA ILE B 75 -10.52 -15.36 2.53
C ILE B 75 -11.58 -16.43 2.24
N SER B 76 -12.77 -16.31 2.84
CA SER B 76 -13.80 -17.38 2.88
C SER B 76 -14.35 -17.62 1.48
N SER B 77 -14.49 -16.55 0.69
CA SER B 77 -15.12 -16.52 -0.65
C SER B 77 -14.42 -15.48 -1.51
N LEU B 78 -13.39 -15.88 -2.25
CA LEU B 78 -12.51 -14.94 -3.00
C LEU B 78 -13.35 -14.12 -3.98
N GLN B 79 -13.13 -12.80 -4.01
CA GLN B 79 -13.82 -11.87 -4.93
C GLN B 79 -12.80 -11.27 -5.89
N PRO B 80 -13.23 -10.81 -7.09
CA PRO B 80 -12.31 -10.23 -8.07
C PRO B 80 -11.45 -9.09 -7.49
N GLU B 81 -12.04 -8.26 -6.63
CA GLU B 81 -11.34 -7.09 -6.03
C GLU B 81 -10.27 -7.52 -5.00
N ASP B 82 -10.16 -8.83 -4.70
CA ASP B 82 -9.23 -9.35 -3.67
C ASP B 82 -7.85 -9.61 -4.30
N PHE B 83 -7.70 -9.39 -5.60
CA PHE B 83 -6.37 -9.39 -6.26
C PHE B 83 -5.47 -8.42 -5.50
N ALA B 84 -4.32 -8.88 -5.00
CA ALA B 84 -3.42 -8.11 -4.12
C ALA B 84 -2.24 -8.97 -3.69
N THR B 85 -1.25 -8.35 -3.07
CA THR B 85 -0.24 -9.08 -2.26
C THR B 85 -0.60 -8.89 -0.78
N TYR B 86 -0.67 -9.99 -0.04
CA TYR B 86 -1.03 -10.02 1.39
C TYR B 86 0.24 -10.20 2.20
N TYR B 87 0.36 -9.44 3.29
CA TYR B 87 1.54 -9.49 4.19
C TYR B 87 1.08 -9.64 5.64
N CYS B 88 1.81 -10.44 6.41
CA CYS B 88 1.74 -10.42 7.89
C CYS B 88 2.78 -9.42 8.39
N GLN B 89 2.46 -8.76 9.51
CA GLN B 89 3.41 -7.92 10.27
C GLN B 89 3.36 -8.39 11.73
N GLN B 90 4.52 -8.70 12.32
CA GLN B 90 4.59 -8.99 13.77
C GLN B 90 4.64 -7.65 14.51
N LEU B 91 3.92 -7.58 15.62
CA LEU B 91 3.80 -6.38 16.49
C LEU B 91 4.46 -6.66 17.83
N ASP B 92 5.15 -7.80 17.93
CA ASP B 92 5.77 -8.29 19.20
C ASP B 92 6.92 -7.36 19.60
N SER B 93 7.75 -6.92 18.65
CA SER B 93 8.98 -6.17 18.99
C SER B 93 9.51 -5.37 17.81
N TYR B 94 10.32 -4.36 18.15
CA TYR B 94 11.29 -3.70 17.24
C TYR B 94 12.58 -4.51 17.31
N PRO B 95 13.25 -4.84 16.18
CA PRO B 95 12.84 -4.39 14.85
C PRO B 95 11.57 -5.05 14.29
N ARG B 96 10.74 -4.25 13.62
CA ARG B 96 9.50 -4.73 12.96
C ARG B 96 9.88 -5.57 11.75
N THR B 97 9.09 -6.61 11.48
CA THR B 97 9.34 -7.51 10.34
C THR B 97 7.98 -7.86 9.71
N PHE B 98 8.02 -8.07 8.40
CA PHE B 98 6.87 -8.48 7.57
C PHE B 98 7.19 -9.84 6.98
N GLY B 99 6.15 -10.63 6.72
CA GLY B 99 6.26 -11.81 5.85
C GLY B 99 6.71 -11.41 4.45
N GLN B 100 7.18 -12.39 3.68
CA GLN B 100 7.72 -12.17 2.32
C GLN B 100 6.58 -11.73 1.38
N GLY B 101 5.32 -11.99 1.76
CA GLY B 101 4.14 -11.64 0.95
C GLY B 101 3.60 -12.82 0.18
N THR B 102 2.29 -12.84 -0.03
CA THR B 102 1.57 -13.83 -0.88
C THR B 102 0.80 -13.05 -1.95
N LYS B 103 1.19 -13.22 -3.22
CA LYS B 103 0.45 -12.61 -4.35
C LYS B 103 -0.74 -13.50 -4.70
N VAL B 104 -1.94 -12.92 -4.72
CA VAL B 104 -3.22 -13.62 -5.03
C VAL B 104 -3.72 -13.09 -6.38
N GLU B 105 -3.87 -13.99 -7.35
CA GLU B 105 -4.47 -13.67 -8.66
C GLU B 105 -5.76 -14.48 -8.80
N ILE B 106 -6.71 -13.92 -9.54
CA ILE B 106 -8.08 -14.48 -9.74
C ILE B 106 -8.04 -15.34 -11.00
N LYS B 107 -8.39 -16.62 -10.87
CA LYS B 107 -8.65 -17.52 -12.02
C LYS B 107 -10.10 -17.29 -12.48
N ARG B 108 -10.29 -17.04 -13.77
CA ARG B 108 -11.62 -16.84 -14.39
C ARG B 108 -11.66 -17.61 -15.72
N THR B 109 -12.79 -17.55 -16.42
CA THR B 109 -12.98 -18.19 -17.75
C THR B 109 -12.01 -17.56 -18.74
N VAL B 110 -11.57 -18.34 -19.72
CA VAL B 110 -10.71 -17.84 -20.84
C VAL B 110 -11.47 -16.72 -21.56
N ALA B 111 -10.78 -15.62 -21.86
CA ALA B 111 -11.28 -14.48 -22.66
C ALA B 111 -10.23 -14.13 -23.70
N ALA B 112 -10.58 -14.20 -24.98
CA ALA B 112 -9.69 -13.86 -26.11
C ALA B 112 -9.42 -12.36 -26.08
N PRO B 113 -8.19 -11.91 -26.45
CA PRO B 113 -7.90 -10.49 -26.56
C PRO B 113 -8.59 -9.84 -27.76
N SER B 114 -9.01 -8.59 -27.60
CA SER B 114 -9.36 -7.65 -28.70
C SER B 114 -8.07 -6.95 -29.14
N VAL B 115 -7.71 -7.07 -30.42
CA VAL B 115 -6.37 -6.64 -30.92
C VAL B 115 -6.53 -5.34 -31.72
N PHE B 116 -5.62 -4.39 -31.50
CA PHE B 116 -5.55 -3.10 -32.20
C PHE B 116 -4.09 -2.83 -32.58
N ILE B 117 -3.86 -2.26 -33.77
CA ILE B 117 -2.51 -1.85 -34.23
C ILE B 117 -2.52 -0.33 -34.47
N PHE B 118 -1.43 0.33 -34.09
CA PHE B 118 -1.23 1.79 -34.25
C PHE B 118 0.06 2.03 -35.03
N PRO B 119 0.01 2.77 -36.17
CA PRO B 119 1.23 3.17 -36.86
C PRO B 119 1.98 4.23 -36.08
N PRO B 120 3.26 4.48 -36.42
CA PRO B 120 3.98 5.62 -35.86
C PRO B 120 3.29 6.91 -36.28
N SER B 121 3.22 7.90 -35.39
CA SER B 121 2.67 9.26 -35.67
C SER B 121 3.62 10.00 -36.61
N ASP B 122 3.08 10.89 -37.45
CA ASP B 122 3.89 11.75 -38.34
C ASP B 122 4.89 12.55 -37.50
N GLU B 123 4.47 12.98 -36.30
CA GLU B 123 5.29 13.82 -35.38
C GLU B 123 6.55 13.05 -34.98
N GLN B 124 6.44 11.75 -34.66
CA GLN B 124 7.60 10.93 -34.24
C GLN B 124 8.57 10.75 -35.42
N LEU B 125 8.04 10.42 -36.61
CA LEU B 125 8.85 10.05 -37.80
C LEU B 125 9.83 11.17 -38.14
N LYS B 126 9.43 12.44 -37.94
CA LYS B 126 10.28 13.65 -38.12
C LYS B 126 11.59 13.52 -37.34
N SER B 127 11.52 12.94 -36.13
CA SER B 127 12.64 12.85 -35.16
C SER B 127 13.61 11.72 -35.51
N GLY B 128 13.22 10.78 -36.37
CA GLY B 128 14.11 9.78 -36.98
C GLY B 128 13.91 8.37 -36.45
N THR B 129 12.90 8.15 -35.60
CA THR B 129 12.54 6.83 -35.02
C THR B 129 11.08 6.54 -35.32
N ALA B 130 10.72 5.25 -35.44
CA ALA B 130 9.34 4.76 -35.67
C ALA B 130 8.97 3.76 -34.57
N SER B 131 7.92 4.07 -33.79
CA SER B 131 7.32 3.17 -32.79
C SER B 131 6.00 2.64 -33.34
N VAL B 132 5.90 1.32 -33.55
CA VAL B 132 4.65 0.65 -33.97
C VAL B 132 4.09 -0.08 -32.75
N VAL B 133 2.82 0.16 -32.41
CA VAL B 133 2.23 -0.35 -31.14
C VAL B 133 1.10 -1.33 -31.47
N CYS B 134 1.10 -2.47 -30.78
CA CYS B 134 0.03 -3.48 -30.81
C CYS B 134 -0.58 -3.61 -29.41
N LEU B 135 -1.90 -3.46 -29.32
CA LEU B 135 -2.66 -3.56 -28.05
C LEU B 135 -3.47 -4.86 -28.05
N LEU B 136 -3.32 -5.67 -27.00
CA LEU B 136 -4.16 -6.85 -26.69
C LEU B 136 -5.03 -6.46 -25.50
N ASN B 137 -6.34 -6.33 -25.70
CA ASN B 137 -7.23 -5.73 -24.67
C ASN B 137 -8.09 -6.80 -24.00
N ASN B 138 -8.07 -6.82 -22.66
CA ASN B 138 -9.06 -7.48 -21.78
C ASN B 138 -9.14 -8.97 -22.07
N PHE B 139 -8.04 -9.68 -21.80
CA PHE B 139 -7.92 -11.14 -22.04
C PHE B 139 -7.55 -11.87 -20.75
N TYR B 140 -7.77 -13.18 -20.75
CA TYR B 140 -7.39 -14.11 -19.67
C TYR B 140 -7.20 -15.49 -20.27
N PRO B 141 -6.14 -16.27 -19.94
CA PRO B 141 -5.11 -15.90 -18.96
C PRO B 141 -4.06 -14.91 -19.49
N ARG B 142 -3.10 -14.54 -18.62
CA ARG B 142 -2.07 -13.52 -18.90
C ARG B 142 -1.17 -13.97 -20.06
N GLU B 143 -0.93 -15.27 -20.20
CA GLU B 143 -0.01 -15.83 -21.23
C GLU B 143 -0.55 -15.47 -22.61
N ALA B 144 0.29 -14.84 -23.44
CA ALA B 144 -0.06 -14.37 -24.79
C ALA B 144 1.22 -14.22 -25.59
N LYS B 145 1.17 -14.51 -26.89
CA LYS B 145 2.32 -14.37 -27.81
C LYS B 145 1.99 -13.30 -28.84
N VAL B 146 2.83 -12.28 -28.93
CA VAL B 146 2.78 -11.27 -30.02
C VAL B 146 3.97 -11.53 -30.96
N GLN B 147 3.69 -11.68 -32.25
CA GLN B 147 4.71 -11.83 -33.31
C GLN B 147 4.56 -10.66 -34.28
N TRP B 148 5.59 -9.83 -34.40
CA TRP B 148 5.63 -8.72 -35.38
C TRP B 148 6.09 -9.26 -36.74
N LYS B 149 5.43 -8.82 -37.81
CA LYS B 149 5.80 -9.14 -39.21
C LYS B 149 5.92 -7.82 -39.97
N VAL B 150 7.00 -7.66 -40.72
CA VAL B 150 7.27 -6.50 -41.59
C VAL B 150 7.51 -7.06 -43.00
N ASP B 151 6.57 -6.82 -43.92
CA ASP B 151 6.54 -7.47 -45.26
C ASP B 151 6.77 -8.98 -45.10
N ASN B 152 6.07 -9.61 -44.16
CA ASN B 152 6.05 -11.08 -43.93
C ASN B 152 7.40 -11.58 -43.37
N ALA B 153 8.30 -10.69 -42.96
CA ALA B 153 9.55 -11.03 -42.23
C ALA B 153 9.26 -11.02 -40.73
N LEU B 154 9.39 -12.16 -40.06
CA LEU B 154 9.17 -12.28 -38.59
C LEU B 154 10.26 -11.47 -37.88
N GLN B 155 9.86 -10.55 -37.00
CA GLN B 155 10.79 -9.68 -36.24
C GLN B 155 11.22 -10.40 -34.97
N SER B 156 12.45 -10.12 -34.52
CA SER B 156 13.03 -10.66 -33.27
C SER B 156 14.01 -9.63 -32.69
N GLY B 157 13.89 -9.32 -31.40
CA GLY B 157 14.88 -8.53 -30.63
C GLY B 157 14.64 -7.03 -30.69
N ASN B 158 13.60 -6.57 -31.39
CA ASN B 158 13.33 -5.13 -31.63
C ASN B 158 11.93 -4.76 -31.08
N SER B 159 11.39 -5.56 -30.16
CA SER B 159 10.08 -5.29 -29.51
C SER B 159 10.22 -5.42 -27.99
N GLN B 160 9.40 -4.66 -27.26
CA GLN B 160 9.24 -4.78 -25.80
C GLN B 160 7.75 -4.74 -25.49
N GLU B 161 7.32 -5.46 -24.46
CA GLU B 161 5.89 -5.44 -24.08
C GLU B 161 5.78 -5.17 -22.59
N SER B 162 4.58 -4.77 -22.21
CA SER B 162 4.18 -4.43 -20.84
C SER B 162 2.76 -4.94 -20.65
N VAL B 163 2.46 -5.45 -19.46
CA VAL B 163 1.13 -6.03 -19.13
C VAL B 163 0.60 -5.29 -17.90
N THR B 164 -0.70 -4.98 -17.93
CA THR B 164 -1.41 -4.34 -16.80
C THR B 164 -1.48 -5.36 -15.65
N GLU B 165 -1.58 -4.86 -14.42
CA GLU B 165 -1.96 -5.68 -13.25
C GLU B 165 -3.40 -6.14 -13.53
N GLN B 166 -3.75 -7.32 -13.02
CA GLN B 166 -5.09 -7.92 -13.22
C GLN B 166 -6.17 -6.92 -12.79
N ASP B 167 -7.22 -6.79 -13.61
CA ASP B 167 -8.35 -5.85 -13.41
C ASP B 167 -9.17 -6.29 -12.18
N SER B 168 -9.50 -5.34 -11.30
CA SER B 168 -10.17 -5.59 -10.00
C SER B 168 -11.67 -5.92 -10.19
N LYS B 169 -12.23 -5.71 -11.39
CA LYS B 169 -13.66 -5.99 -11.70
C LYS B 169 -13.80 -7.28 -12.50
N ASP B 170 -13.15 -7.39 -13.67
CA ASP B 170 -13.39 -8.51 -14.63
C ASP B 170 -12.22 -9.49 -14.66
N SER B 171 -11.16 -9.25 -13.88
CA SER B 171 -10.01 -10.18 -13.67
C SER B 171 -9.24 -10.41 -14.97
N THR B 172 -9.32 -9.50 -15.94
CA THR B 172 -8.61 -9.62 -17.23
C THR B 172 -7.32 -8.80 -17.20
N TYR B 173 -6.44 -9.07 -18.17
CA TYR B 173 -5.17 -8.35 -18.43
C TYR B 173 -5.30 -7.62 -19.76
N SER B 174 -4.50 -6.58 -19.93
CA SER B 174 -4.22 -5.99 -21.27
C SER B 174 -2.71 -5.95 -21.45
N LEU B 175 -2.25 -5.97 -22.69
CA LEU B 175 -0.81 -6.04 -23.04
C LEU B 175 -0.55 -5.08 -24.19
N SER B 176 0.54 -4.32 -24.10
CA SER B 176 1.03 -3.42 -25.16
C SER B 176 2.37 -3.96 -25.64
N SER B 177 2.54 -4.14 -26.95
CA SER B 177 3.83 -4.48 -27.58
C SER B 177 4.26 -3.33 -28.49
N THR B 178 5.51 -2.89 -28.37
CA THR B 178 6.07 -1.78 -29.16
C THR B 178 7.23 -2.32 -29.99
N LEU B 179 7.11 -2.18 -31.31
CA LEU B 179 8.19 -2.46 -32.28
C LEU B 179 8.90 -1.14 -32.58
N THR B 180 10.22 -1.10 -32.38
CA THR B 180 11.09 0.10 -32.58
C THR B 180 11.97 -0.12 -33.81
N LEU B 181 11.84 0.77 -34.81
CA LEU B 181 12.68 0.81 -36.04
C LEU B 181 13.20 2.24 -36.22
N SER B 182 14.34 2.40 -36.91
CA SER B 182 14.81 3.69 -37.44
C SER B 182 13.83 4.16 -38.52
N LYS B 183 13.77 5.46 -38.80
CA LYS B 183 12.93 6.03 -39.89
C LYS B 183 13.28 5.35 -41.22
N ALA B 184 14.57 5.24 -41.51
CA ALA B 184 15.11 4.63 -42.76
C ALA B 184 14.58 3.19 -42.89
N ASP B 185 14.70 2.39 -41.83
CA ASP B 185 14.24 0.97 -41.82
C ASP B 185 12.72 0.93 -42.02
N TYR B 186 11.97 1.80 -41.32
CA TYR B 186 10.49 1.88 -41.42
C TYR B 186 10.09 2.16 -42.88
N GLU B 187 10.77 3.09 -43.54
CA GLU B 187 10.43 3.56 -44.90
C GLU B 187 10.81 2.51 -45.97
N LYS B 188 11.60 1.49 -45.61
CA LYS B 188 12.03 0.43 -46.55
C LYS B 188 10.91 -0.60 -46.80
N HIS B 189 9.89 -0.64 -45.93
CA HIS B 189 8.88 -1.73 -45.90
C HIS B 189 7.46 -1.15 -45.91
N LYS B 190 6.48 -1.96 -46.33
CA LYS B 190 5.09 -1.51 -46.60
C LYS B 190 4.13 -2.05 -45.52
N VAL B 191 4.10 -3.38 -45.34
CA VAL B 191 3.06 -4.07 -44.52
C VAL B 191 3.60 -4.31 -43.10
N TYR B 192 2.95 -3.70 -42.11
CA TYR B 192 3.24 -3.83 -40.67
C TYR B 192 2.09 -4.62 -40.03
N ALA B 193 2.41 -5.79 -39.47
CA ALA B 193 1.41 -6.73 -38.94
C ALA B 193 1.80 -7.17 -37.52
N CYS B 194 0.81 -7.24 -36.65
CA CYS B 194 0.87 -7.82 -35.29
C CYS B 194 0.04 -9.10 -35.28
N GLU B 195 0.70 -10.25 -35.10
CA GLU B 195 0.02 -11.59 -35.03
C GLU B 195 -0.06 -12.03 -33.57
N VAL B 196 -1.28 -12.33 -33.09
CA VAL B 196 -1.54 -12.65 -31.65
C VAL B 196 -1.97 -14.11 -31.53
N THR B 197 -1.25 -14.87 -30.70
CA THR B 197 -1.58 -16.26 -30.29
C THR B 197 -2.04 -16.21 -28.82
N HIS B 198 -3.15 -16.89 -28.50
CA HIS B 198 -3.74 -16.91 -27.13
C HIS B 198 -4.65 -18.13 -26.98
N GLN B 199 -4.78 -18.63 -25.76
CA GLN B 199 -5.61 -19.81 -25.42
C GLN B 199 -7.05 -19.61 -25.92
N GLY B 200 -7.53 -18.36 -25.96
CA GLY B 200 -8.92 -18.02 -26.32
C GLY B 200 -9.14 -17.93 -27.83
N LEU B 201 -8.08 -18.10 -28.63
CA LEU B 201 -8.11 -18.03 -30.12
C LEU B 201 -7.74 -19.41 -30.69
N SER B 202 -8.62 -19.97 -31.53
CA SER B 202 -8.39 -21.29 -32.19
C SER B 202 -7.22 -21.17 -33.19
N SER B 203 -7.08 -19.99 -33.81
CA SER B 203 -5.96 -19.62 -34.71
C SER B 203 -5.57 -18.17 -34.49
N PRO B 204 -4.33 -17.77 -34.84
CA PRO B 204 -3.86 -16.41 -34.57
C PRO B 204 -4.70 -15.31 -35.24
N VAL B 205 -4.87 -14.19 -34.53
CA VAL B 205 -5.51 -12.94 -35.05
C VAL B 205 -4.38 -11.99 -35.47
N THR B 206 -4.47 -11.44 -36.69
CA THR B 206 -3.51 -10.45 -37.23
C THR B 206 -4.24 -9.13 -37.46
N LYS B 207 -3.65 -8.03 -36.97
CA LYS B 207 -4.03 -6.65 -37.32
C LYS B 207 -2.84 -6.04 -38.06
N SER B 208 -3.11 -5.34 -39.16
CA SER B 208 -2.06 -4.83 -40.08
C SER B 208 -2.45 -3.44 -40.59
N PHE B 209 -1.47 -2.70 -41.08
CA PHE B 209 -1.65 -1.47 -41.88
C PHE B 209 -0.54 -1.42 -42.93
N ASN B 210 -0.78 -0.67 -44.01
CA ASN B 210 0.21 -0.36 -45.07
C ASN B 210 0.79 1.03 -44.79
N ARG B 211 2.12 1.15 -44.68
CA ARG B 211 2.82 2.45 -44.55
C ARG B 211 2.46 3.30 -45.78
N GLY B 212 2.08 4.56 -45.57
CA GLY B 212 1.53 5.44 -46.63
C GLY B 212 0.02 5.31 -46.74
N GLU B 213 -0.57 4.37 -45.99
CA GLU B 213 -2.03 4.15 -45.81
C GLU B 213 -2.64 3.75 -47.16
N ASN C 9 7.11 -7.13 35.87
CA ASN C 9 6.39 -6.61 37.07
C ASN C 9 5.02 -6.08 36.65
N PRO C 10 3.93 -6.86 36.83
CA PRO C 10 2.59 -6.37 36.49
C PRO C 10 2.24 -5.15 37.34
N PRO C 11 1.36 -4.25 36.85
CA PRO C 11 0.98 -3.07 37.62
C PRO C 11 0.26 -3.48 38.91
N THR C 12 0.36 -2.65 39.95
CA THR C 12 -0.45 -2.80 41.19
C THR C 12 -1.67 -1.90 41.05
N PHE C 13 -2.77 -2.32 41.66
CA PHE C 13 -4.07 -1.61 41.63
C PHE C 13 -4.61 -1.62 43.06
N SER C 14 -4.67 -0.44 43.67
CA SER C 14 -4.88 -0.25 45.13
C SER C 14 -5.91 0.87 45.31
N PRO C 15 -6.70 0.90 46.42
CA PRO C 15 -6.78 -0.17 47.42
C PRO C 15 -7.40 -1.48 46.91
N ALA C 16 -7.12 -2.60 47.58
CA ALA C 16 -7.67 -3.94 47.29
C ALA C 16 -9.18 -3.96 47.56
N LEU C 17 -9.60 -3.30 48.63
CA LEU C 17 -11.02 -3.03 48.93
C LEU C 17 -11.17 -1.53 49.18
N LEU C 18 -12.10 -0.90 48.46
CA LEU C 18 -12.40 0.54 48.54
C LEU C 18 -13.89 0.68 48.86
N VAL C 19 -14.22 1.29 50.01
CA VAL C 19 -15.63 1.51 50.43
C VAL C 19 -15.89 3.02 50.43
N VAL C 20 -16.82 3.46 49.59
CA VAL C 20 -17.19 4.90 49.46
C VAL C 20 -18.70 5.04 49.61
N THR C 21 -19.14 6.20 50.08
CA THR C 21 -20.57 6.55 50.19
C THR C 21 -21.04 7.01 48.81
N GLU C 22 -22.23 6.62 48.39
CA GLU C 22 -22.84 7.06 47.11
C GLU C 22 -22.75 8.59 47.02
N GLY C 23 -22.31 9.11 45.88
CA GLY C 23 -22.14 10.56 45.63
C GLY C 23 -20.68 10.99 45.73
N ASP C 24 -19.87 10.29 46.54
CA ASP C 24 -18.41 10.53 46.66
C ASP C 24 -17.72 9.96 45.41
N ASN C 25 -16.54 10.47 45.08
CA ASN C 25 -15.68 9.90 44.01
C ASN C 25 -15.00 8.65 44.59
N ALA C 26 -14.94 7.59 43.78
CA ALA C 26 -14.25 6.32 44.10
C ALA C 26 -12.94 6.29 43.30
N THR C 27 -11.81 6.51 43.97
CA THR C 27 -10.49 6.69 43.33
C THR C 27 -9.55 5.53 43.70
N PHE C 28 -9.22 4.71 42.70
CA PHE C 28 -8.16 3.68 42.75
C PHE C 28 -6.86 4.32 42.26
N THR C 29 -5.74 3.66 42.55
CA THR C 29 -4.40 4.03 42.02
C THR C 29 -3.81 2.82 41.30
N CYS C 30 -3.50 3.00 40.03
CA CYS C 30 -2.75 2.02 39.20
C CYS C 30 -1.28 2.45 39.18
N SER C 31 -0.37 1.54 39.55
CA SER C 31 1.09 1.83 39.70
C SER C 31 1.91 0.81 38.90
N PHE C 32 2.94 1.29 38.21
CA PHE C 32 3.92 0.40 37.51
C PHE C 32 5.15 1.21 37.11
N SER C 33 6.31 0.55 37.11
CA SER C 33 7.64 1.11 36.75
C SER C 33 8.44 0.04 35.99
N ASN C 34 9.69 0.38 35.62
CA ASN C 34 10.63 -0.53 34.92
C ASN C 34 10.15 -0.77 33.48
N THR C 35 9.26 0.09 32.97
CA THR C 35 8.71 0.05 31.59
C THR C 35 9.20 1.28 30.82
N SER C 36 9.27 1.20 29.50
CA SER C 36 9.73 2.29 28.59
C SER C 36 8.76 3.47 28.65
N GLU C 37 9.21 4.65 28.21
CA GLU C 37 8.41 5.91 28.12
C GLU C 37 7.16 5.69 27.27
N SER C 38 7.19 4.70 26.37
CA SER C 38 6.09 4.36 25.42
C SER C 38 5.17 3.31 26.05
N PHE C 39 4.12 3.74 26.75
CA PHE C 39 3.17 2.85 27.46
C PHE C 39 1.73 3.28 27.19
N VAL C 40 0.79 2.36 27.42
CA VAL C 40 -0.68 2.59 27.43
C VAL C 40 -1.25 1.95 28.70
N LEU C 41 -2.18 2.65 29.34
CA LEU C 41 -2.92 2.13 30.53
C LEU C 41 -4.39 1.95 30.17
N ASN C 42 -4.96 0.82 30.57
CA ASN C 42 -6.40 0.52 30.40
C ASN C 42 -7.01 0.28 31.78
N TRP C 43 -8.24 0.76 31.97
CA TRP C 43 -9.02 0.59 33.21
C TRP C 43 -10.27 -0.23 32.87
N TYR C 44 -10.45 -1.36 33.54
CA TYR C 44 -11.54 -2.33 33.29
C TYR C 44 -12.39 -2.49 34.55
N ARG C 45 -13.69 -2.73 34.32
CA ARG C 45 -14.60 -3.35 35.29
C ARG C 45 -14.89 -4.76 34.82
N MET C 46 -14.96 -5.71 35.75
CA MET C 46 -15.38 -7.11 35.46
C MET C 46 -16.90 -7.14 35.32
N SER C 47 -17.39 -7.62 34.16
CA SER C 47 -18.83 -7.71 33.79
C SER C 47 -19.47 -8.89 34.51
N PRO C 48 -20.82 -9.01 34.48
CA PRO C 48 -21.50 -10.20 35.01
C PRO C 48 -21.00 -11.51 34.40
N SER C 49 -20.61 -11.47 33.11
CA SER C 49 -20.11 -12.63 32.32
C SER C 49 -18.61 -12.89 32.61
N ASN C 50 -18.03 -12.21 33.60
CA ASN C 50 -16.59 -12.29 33.95
C ASN C 50 -15.74 -11.83 32.75
N GLN C 51 -16.25 -10.87 31.98
CA GLN C 51 -15.55 -10.25 30.82
C GLN C 51 -15.07 -8.86 31.25
N THR C 52 -13.86 -8.46 30.84
CA THR C 52 -13.31 -7.10 31.07
C THR C 52 -14.08 -6.10 30.20
N ASP C 53 -14.75 -5.12 30.82
CA ASP C 53 -15.40 -3.97 30.12
C ASP C 53 -14.48 -2.75 30.27
N LYS C 54 -13.96 -2.21 29.16
CA LYS C 54 -12.98 -1.09 29.19
C LYS C 54 -13.71 0.21 29.55
N LEU C 55 -13.34 0.80 30.70
CA LEU C 55 -13.93 2.07 31.20
C LEU C 55 -13.19 3.26 30.60
N ALA C 56 -11.86 3.15 30.45
CA ALA C 56 -10.99 4.27 30.04
C ALA C 56 -9.64 3.73 29.57
N ALA C 57 -9.03 4.45 28.62
CA ALA C 57 -7.63 4.25 28.17
C ALA C 57 -6.86 5.54 28.44
N PHE C 58 -5.56 5.42 28.71
CA PHE C 58 -4.63 6.56 28.92
C PHE C 58 -3.34 6.30 28.15
N PRO C 59 -2.73 7.32 27.49
CA PRO C 59 -3.27 8.68 27.43
C PRO C 59 -4.50 8.89 26.54
N GLU C 60 -4.94 10.14 26.46
CA GLU C 60 -6.25 10.57 25.89
C GLU C 60 -6.37 10.10 24.42
N ASP C 61 -5.26 10.02 23.68
CA ASP C 61 -5.25 9.65 22.24
C ASP C 61 -5.50 8.13 22.07
N ARG C 62 -5.65 7.38 23.16
CA ARG C 62 -5.98 5.93 23.13
C ARG C 62 -7.46 5.70 23.47
N SER C 63 -8.18 6.74 23.90
CA SER C 63 -9.58 6.68 24.36
C SER C 63 -10.50 6.27 23.19
N GLN C 64 -11.45 5.37 23.46
CA GLN C 64 -12.57 5.09 22.51
C GLN C 64 -13.41 6.36 22.39
N PRO C 65 -13.98 6.65 21.20
CA PRO C 65 -14.69 7.92 20.99
C PRO C 65 -15.84 8.14 22.00
N GLY C 66 -16.49 7.07 22.47
CA GLY C 66 -17.64 7.13 23.38
C GLY C 66 -17.26 7.06 24.85
N GLN C 67 -15.96 7.11 25.19
CA GLN C 67 -15.48 6.95 26.58
C GLN C 67 -16.28 7.91 27.49
N ASP C 68 -16.82 7.38 28.59
CA ASP C 68 -17.70 8.15 29.53
C ASP C 68 -16.81 9.06 30.38
N SER C 69 -17.22 10.33 30.51
CA SER C 69 -16.47 11.40 31.24
C SER C 69 -16.38 11.08 32.74
N ARG C 70 -17.24 10.20 33.26
CA ARG C 70 -17.29 9.86 34.72
C ARG C 70 -16.11 8.95 35.09
N PHE C 71 -15.39 8.40 34.11
CA PHE C 71 -14.16 7.58 34.34
C PHE C 71 -12.93 8.44 34.01
N ARG C 72 -12.29 8.96 35.06
CA ARG C 72 -11.19 9.96 34.95
C ARG C 72 -9.87 9.28 35.31
N VAL C 73 -8.91 9.29 34.39
CA VAL C 73 -7.53 8.77 34.63
C VAL C 73 -6.58 9.98 34.63
N THR C 74 -5.79 10.11 35.69
CA THR C 74 -4.81 11.22 35.91
C THR C 74 -3.45 10.60 36.20
N GLN C 75 -2.43 10.98 35.43
CA GLN C 75 -1.02 10.61 35.73
C GLN C 75 -0.50 11.56 36.82
N LEU C 76 -0.04 11.01 37.94
CA LEU C 76 0.48 11.80 39.07
C LEU C 76 1.90 12.24 38.75
N PRO C 77 2.43 13.29 39.42
CA PRO C 77 3.71 13.90 39.06
C PRO C 77 4.91 12.95 38.89
N ASN C 78 4.97 11.86 39.67
CA ASN C 78 6.13 10.91 39.66
C ASN C 78 6.08 10.04 38.40
N GLY C 79 4.95 10.03 37.67
CA GLY C 79 4.82 9.43 36.33
C GLY C 79 4.61 7.93 36.36
N ARG C 80 4.61 7.31 37.56
CA ARG C 80 4.46 5.84 37.75
C ARG C 80 3.12 5.52 38.42
N ASP C 81 2.51 6.49 39.12
CA ASP C 81 1.21 6.33 39.82
C ASP C 81 0.13 7.08 39.03
N PHE C 82 -1.05 6.46 38.88
CA PHE C 82 -2.20 6.99 38.11
C PHE C 82 -3.47 6.85 38.95
N HIS C 83 -4.16 7.96 39.20
CA HIS C 83 -5.52 7.94 39.80
C HIS C 83 -6.51 7.48 38.73
N MET C 84 -7.38 6.54 39.09
CA MET C 84 -8.51 6.08 38.26
C MET C 84 -9.78 6.25 39.09
N SER C 85 -10.54 7.31 38.79
CA SER C 85 -11.65 7.82 39.64
C SER C 85 -12.99 7.63 38.93
N VAL C 86 -13.94 7.01 39.63
CA VAL C 86 -15.39 7.01 39.28
C VAL C 86 -15.99 8.27 39.89
N VAL C 87 -16.35 9.26 39.06
CA VAL C 87 -16.90 10.56 39.53
C VAL C 87 -18.35 10.32 39.99
N ARG C 88 -18.68 10.76 41.21
CA ARG C 88 -20.03 10.60 41.82
C ARG C 88 -20.47 9.14 41.71
N ALA C 89 -19.82 8.26 42.47
CA ALA C 89 -20.08 6.80 42.45
C ALA C 89 -21.53 6.54 42.85
N ARG C 90 -22.14 5.53 42.22
CA ARG C 90 -23.52 5.07 42.49
C ARG C 90 -23.45 3.64 43.07
N ARG C 91 -24.50 3.19 43.74
CA ARG C 91 -24.57 1.82 44.32
C ARG C 91 -24.17 0.79 43.26
N ASN C 92 -24.66 0.94 42.02
CA ASN C 92 -24.48 -0.09 40.96
C ASN C 92 -23.06 -0.01 40.37
N ASP C 93 -22.20 0.91 40.83
CA ASP C 93 -20.75 0.90 40.53
C ASP C 93 -20.01 -0.13 41.40
N SER C 94 -20.67 -0.63 42.46
CA SER C 94 -20.12 -1.72 43.30
C SER C 94 -19.71 -2.88 42.40
N GLY C 95 -18.47 -3.37 42.53
CA GLY C 95 -17.98 -4.50 41.72
C GLY C 95 -16.46 -4.60 41.73
N THR C 96 -15.93 -5.29 40.72
CA THR C 96 -14.51 -5.69 40.62
C THR C 96 -13.86 -4.91 39.48
N TYR C 97 -12.68 -4.33 39.74
CA TYR C 97 -11.94 -3.45 38.80
C TYR C 97 -10.48 -3.90 38.75
N LEU C 98 -9.79 -3.55 37.68
CA LEU C 98 -8.34 -3.80 37.52
C LEU C 98 -7.79 -2.81 36.50
N CYS C 99 -6.47 -2.69 36.41
CA CYS C 99 -5.81 -1.94 35.31
C CYS C 99 -4.90 -2.88 34.52
N GLY C 100 -4.74 -2.55 33.24
CA GLY C 100 -3.75 -3.18 32.35
C GLY C 100 -2.70 -2.16 31.95
N ALA C 101 -1.44 -2.55 31.98
CA ALA C 101 -0.28 -1.74 31.53
C ALA C 101 0.31 -2.39 30.28
N ILE C 102 0.44 -1.63 29.20
CA ILE C 102 1.01 -2.12 27.91
C ILE C 102 2.31 -1.36 27.65
N SER C 103 3.43 -2.07 27.55
CA SER C 103 4.72 -1.54 27.04
C SER C 103 4.73 -1.77 25.52
N LEU C 104 5.18 -0.78 24.75
CA LEU C 104 5.11 -0.81 23.27
C LEU C 104 6.48 -1.16 22.67
N ALA C 105 7.59 -0.86 23.35
CA ALA C 105 8.95 -0.98 22.78
C ALA C 105 10.01 -1.09 23.88
N PRO C 106 11.13 -1.80 23.62
CA PRO C 106 11.40 -2.49 22.36
C PRO C 106 10.59 -3.79 22.20
N LYS C 107 10.11 -4.35 23.31
CA LYS C 107 9.25 -5.56 23.32
C LYS C 107 7.85 -5.14 23.79
N ALA C 108 6.82 -5.48 23.03
CA ALA C 108 5.40 -5.20 23.37
C ALA C 108 4.93 -6.25 24.38
N GLN C 109 4.38 -5.80 25.51
CA GLN C 109 3.93 -6.68 26.62
C GLN C 109 2.66 -6.08 27.23
N ILE C 110 1.67 -6.94 27.52
CA ILE C 110 0.44 -6.60 28.26
C ILE C 110 0.49 -7.30 29.62
N LYS C 111 0.33 -6.57 30.71
CA LYS C 111 0.27 -7.15 32.09
C LYS C 111 -0.91 -6.52 32.83
N GLU C 112 -1.78 -7.36 33.40
CA GLU C 112 -2.98 -6.93 34.17
C GLU C 112 -2.62 -6.94 35.66
N SER C 113 -3.18 -6.00 36.41
CA SER C 113 -3.11 -5.99 37.89
C SER C 113 -4.00 -7.11 38.45
N LEU C 114 -3.78 -7.46 39.72
CA LEU C 114 -4.79 -8.22 40.50
C LEU C 114 -6.04 -7.36 40.58
N ARG C 115 -7.19 -8.00 40.77
CA ARG C 115 -8.52 -7.32 40.82
C ARG C 115 -8.66 -6.64 42.18
N ALA C 116 -9.36 -5.52 42.23
CA ALA C 116 -9.74 -4.82 43.47
C ALA C 116 -11.26 -4.69 43.51
N GLU C 117 -11.83 -4.62 44.72
CA GLU C 117 -13.29 -4.52 44.92
C GLU C 117 -13.65 -3.08 45.33
N LEU C 118 -14.69 -2.53 44.70
CA LEU C 118 -15.36 -1.27 45.12
C LEU C 118 -16.72 -1.63 45.71
N ARG C 119 -16.99 -1.14 46.93
CA ARG C 119 -18.33 -1.17 47.57
C ARG C 119 -18.80 0.28 47.74
N VAL C 120 -19.91 0.63 47.10
CA VAL C 120 -20.55 1.97 47.21
C VAL C 120 -21.77 1.80 48.11
N THR C 121 -21.77 2.50 49.26
CA THR C 121 -22.76 2.29 50.34
C THR C 121 -23.86 3.34 50.26
N GLU C 122 -24.99 3.04 50.89
CA GLU C 122 -26.16 3.95 51.01
C GLU C 122 -25.75 5.13 51.89
N ARG C 123 -26.07 6.36 51.46
CA ARG C 123 -25.91 7.61 52.25
C ARG C 123 -27.09 7.73 53.21
N ARG C 124 -26.82 7.82 54.51
CA ARG C 124 -27.85 7.92 55.59
C ARG C 124 -28.22 9.39 55.82
C1 EDO D . 4.31 0.76 -21.78
O1 EDO D . 5.55 0.19 -21.44
C2 EDO D . 3.63 0.08 -22.91
O2 EDO D . 4.07 -1.25 -23.10
C1 EDO E . -3.88 10.16 15.19
O1 EDO E . -4.78 10.35 16.26
C2 EDO E . -2.44 10.14 15.55
O2 EDO E . -2.20 9.46 16.75
C1 EDO F . -13.45 -12.23 10.78
O1 EDO F . -13.65 -12.51 12.17
C2 EDO F . -14.71 -11.97 10.03
O2 EDO F . -15.49 -13.12 9.79
C1 EDO G . 6.93 6.37 31.38
O1 EDO G . 7.57 7.58 30.99
C2 EDO G . 7.85 5.40 32.01
O2 EDO G . 7.24 4.16 32.32
#